data_4YO4
#
_entry.id   4YO4
#
_cell.length_a   47.004
_cell.length_b   62.523
_cell.length_c   88.537
_cell.angle_alpha   90.00
_cell.angle_beta   90.00
_cell.angle_gamma   90.00
#
_symmetry.space_group_name_H-M   'P 21 21 21'
#
loop_
_entity.id
_entity.type
_entity.pdbx_description
1 polymer 'Death-associated protein kinase 1'
2 non-polymer 'CHLORIDE ION'
3 non-polymer 'ACETATE ION'
4 non-polymer 'SULFATE ION'
5 non-polymer phthalazine
6 water water
#
_entity_poly.entity_id   1
_entity_poly.type   'polypeptide(L)'
_entity_poly.pdbx_seq_one_letter_code
;TVFRQENVDDYYDTGEELGSGQFAVVKKCREKSTGLQYAAKFIKKRRTKSSRRGVSREDIEREVSILKEIQHPNVITLHE
VYENKTDVILILELVAGGELFDFLAEKESLTEEEATEFLKQILNGVYYLHSLQIAHFDLKPENIMLLDRNVPKPRIKIID
FGLAHKIDFGNEFKNIFGTPEFVAPEIVNYEPLGLEADMWSIGVITYILLSGASPFLGDTKQETLANVSAVNYEFEDEYF
SNTSALAKDFIRRLLVKDPKKRMTIQDSLQHPWIKPKDTQQALSSAWSHPQFEK
;
_entity_poly.pdbx_strand_id   A
#
# COMPACT_ATOMS: atom_id res chain seq x y z
N THR A 1 5.32 -5.78 -23.56
CA THR A 1 5.60 -7.18 -23.12
C THR A 1 4.35 -8.02 -23.20
N VAL A 2 4.49 -9.25 -23.65
CA VAL A 2 3.39 -10.18 -23.85
C VAL A 2 3.27 -11.17 -22.69
N PHE A 3 2.05 -11.48 -22.29
CA PHE A 3 1.81 -12.43 -21.23
C PHE A 3 1.18 -13.72 -21.77
N ARG A 4 1.06 -14.74 -20.93
CA ARG A 4 0.49 -16.05 -21.35
C ARG A 4 -0.95 -15.90 -21.80
N GLN A 5 -1.22 -16.32 -23.03
CA GLN A 5 -2.57 -16.18 -23.59
C GLN A 5 -3.49 -17.43 -23.56
N GLU A 6 -2.99 -18.51 -22.97
N GLU A 6 -2.98 -18.53 -23.06
CA GLU A 6 -3.79 -19.69 -22.72
CA GLU A 6 -3.82 -19.65 -22.69
C GLU A 6 -4.91 -19.27 -21.75
C GLU A 6 -4.92 -19.27 -21.73
N ASN A 7 -6.05 -19.95 -21.79
CA ASN A 7 -7.16 -19.65 -20.87
C ASN A 7 -6.72 -19.99 -19.44
N VAL A 8 -6.86 -19.04 -18.53
CA VAL A 8 -6.39 -19.26 -17.16
C VAL A 8 -7.16 -20.40 -16.51
N ASP A 9 -8.41 -20.61 -16.96
CA ASP A 9 -9.26 -21.68 -16.41
C ASP A 9 -8.77 -23.07 -16.77
N ASP A 10 -7.87 -23.17 -17.74
CA ASP A 10 -7.31 -24.48 -18.06
C ASP A 10 -6.21 -24.88 -17.06
N TYR A 11 -5.73 -23.90 -16.30
CA TYR A 11 -4.61 -24.12 -15.38
C TYR A 11 -4.94 -23.89 -13.93
N TYR A 12 -6.04 -23.16 -13.69
CA TYR A 12 -6.48 -22.82 -12.32
C TYR A 12 -7.98 -22.95 -12.15
N ASP A 13 -8.39 -23.29 -10.93
CA ASP A 13 -9.77 -23.22 -10.53
C ASP A 13 -9.89 -22.03 -9.57
N THR A 14 -10.96 -21.25 -9.68
CA THR A 14 -11.17 -20.12 -8.78
C THR A 14 -12.25 -20.38 -7.73
N GLY A 15 -12.20 -19.62 -6.66
CA GLY A 15 -13.14 -19.74 -5.55
C GLY A 15 -13.64 -18.42 -5.05
N GLU A 16 -13.54 -18.24 -3.73
CA GLU A 16 -13.98 -17.06 -3.01
C GLU A 16 -13.35 -15.79 -3.53
N GLU A 17 -14.09 -14.70 -3.53
CA GLU A 17 -13.53 -13.40 -3.91
C GLU A 17 -12.82 -12.79 -2.70
N LEU A 18 -11.61 -12.22 -2.92
CA LEU A 18 -10.79 -11.70 -1.82
C LEU A 18 -10.72 -10.17 -1.74
N GLY A 19 -10.92 -9.54 -2.88
CA GLY A 19 -10.91 -8.08 -2.99
C GLY A 19 -11.62 -7.66 -4.27
N SER A 20 -12.17 -6.45 -4.24
CA SER A 20 -12.94 -5.90 -5.35
C SER A 20 -12.70 -4.40 -5.35
N GLY A 21 -12.17 -3.88 -6.46
CA GLY A 21 -11.88 -2.45 -6.56
C GLY A 21 -12.46 -1.85 -7.81
N GLN A 22 -12.06 -0.63 -8.13
CA GLN A 22 -12.59 0.05 -9.31
C GLN A 22 -12.20 -0.64 -10.61
N PHE A 23 -10.95 -1.09 -10.71
CA PHE A 23 -10.48 -1.67 -11.97
C PHE A 23 -10.05 -3.14 -11.87
N ALA A 24 -10.12 -3.72 -10.67
CA ALA A 24 -9.64 -5.09 -10.44
C ALA A 24 -10.50 -5.86 -9.47
N VAL A 25 -10.48 -7.17 -9.63
CA VAL A 25 -11.18 -8.10 -8.74
C VAL A 25 -10.20 -9.20 -8.45
N VAL A 26 -10.18 -9.71 -7.21
CA VAL A 26 -9.22 -10.74 -6.84
C VAL A 26 -9.98 -11.95 -6.38
N LYS A 27 -9.64 -13.12 -6.92
CA LYS A 27 -10.27 -14.36 -6.57
C LYS A 27 -9.27 -15.36 -6.06
N LYS A 28 -9.62 -16.06 -4.99
CA LYS A 28 -8.76 -17.15 -4.56
C LYS A 28 -8.72 -18.18 -5.68
N CYS A 29 -7.58 -18.84 -5.87
CA CYS A 29 -7.48 -19.83 -6.89
C CYS A 29 -6.53 -20.92 -6.50
N ARG A 30 -6.61 -22.02 -7.25
CA ARG A 30 -5.78 -23.17 -6.99
C ARG A 30 -5.21 -23.67 -8.31
N GLU A 31 -3.89 -23.86 -8.35
CA GLU A 31 -3.22 -24.32 -9.57
C GLU A 31 -3.43 -25.82 -9.72
N LYS A 32 -3.99 -26.22 -10.84
CA LYS A 32 -4.30 -27.63 -11.08
C LYS A 32 -3.09 -28.54 -11.02
N SER A 33 -1.95 -28.11 -11.53
CA SER A 33 -0.77 -28.99 -11.60
C SER A 33 -0.04 -29.21 -10.29
N THR A 34 -0.25 -28.35 -9.31
CA THR A 34 0.46 -28.46 -8.03
C THR A 34 -0.40 -28.50 -6.77
N GLY A 35 -1.66 -28.10 -6.90
CA GLY A 35 -2.53 -27.96 -5.74
C GLY A 35 -2.26 -26.72 -4.88
N LEU A 36 -1.29 -25.88 -5.29
CA LEU A 36 -0.96 -24.67 -4.54
C LEU A 36 -1.96 -23.58 -4.79
N GLN A 37 -2.19 -22.79 -3.75
CA GLN A 37 -3.21 -21.78 -3.81
C GLN A 37 -2.60 -20.42 -3.92
N TYR A 38 -3.29 -19.56 -4.64
CA TYR A 38 -2.86 -18.20 -4.96
C TYR A 38 -4.05 -17.24 -4.94
N ALA A 39 -3.75 -15.96 -5.20
CA ALA A 39 -4.79 -14.94 -5.36
C ALA A 39 -4.67 -14.44 -6.81
N ALA A 40 -5.73 -14.59 -7.60
CA ALA A 40 -5.71 -14.16 -8.99
C ALA A 40 -6.34 -12.78 -9.08
N LYS A 41 -5.54 -11.79 -9.49
CA LYS A 41 -5.97 -10.41 -9.63
C LYS A 41 -6.28 -10.12 -11.10
N PHE A 42 -7.56 -9.93 -11.41
CA PHE A 42 -8.01 -9.64 -12.76
C PHE A 42 -8.10 -8.11 -12.95
N ILE A 43 -7.20 -7.56 -13.75
CA ILE A 43 -7.14 -6.13 -14.02
C ILE A 43 -7.82 -5.84 -15.38
N LYS A 44 -8.85 -5.00 -15.38
CA LYS A 44 -9.54 -4.67 -16.63
C LYS A 44 -8.69 -3.80 -17.54
N LYS A 45 -8.53 -4.26 -18.78
CA LYS A 45 -7.82 -3.51 -19.80
C LYS A 45 -8.64 -2.36 -20.37
N ARG A 46 -7.94 -1.34 -20.80
CA ARG A 46 -8.58 -0.23 -21.52
C ARG A 46 -8.92 -0.73 -22.94
N ARG A 47 -10.12 -0.39 -23.41
CA ARG A 47 -10.59 -0.89 -24.74
C ARG A 47 -10.35 0.03 -25.92
N THR A 48 -10.03 1.30 -25.66
CA THR A 48 -9.71 2.25 -26.74
C THR A 48 -8.60 3.14 -26.22
N LYS A 49 -7.78 3.69 -27.10
CA LYS A 49 -6.64 4.49 -26.64
C LYS A 49 -7.03 5.70 -25.80
N SER A 50 -8.13 6.37 -26.16
CA SER A 50 -8.56 7.58 -25.44
C SER A 50 -9.50 7.37 -24.23
N SER A 51 -9.84 6.12 -23.92
CA SER A 51 -10.80 5.87 -22.83
C SER A 51 -10.26 6.12 -21.43
N ARG A 52 -11.18 6.31 -20.49
CA ARG A 52 -10.86 6.50 -19.07
C ARG A 52 -11.22 5.24 -18.26
N ARG A 53 -11.91 4.31 -18.91
CA ARG A 53 -12.29 3.06 -18.28
C ARG A 53 -11.11 2.10 -18.42
N GLY A 54 -10.96 1.20 -17.46
CA GLY A 54 -9.87 0.23 -17.50
C GLY A 54 -8.51 0.83 -17.21
N VAL A 55 -7.50 -0.03 -17.20
CA VAL A 55 -6.15 0.37 -16.93
C VAL A 55 -5.30 0.34 -18.22
N SER A 56 -4.53 1.40 -18.45
CA SER A 56 -3.69 1.45 -19.63
C SER A 56 -2.65 0.34 -19.61
N ARG A 57 -2.25 -0.12 -20.79
CA ARG A 57 -1.24 -1.15 -20.83
C ARG A 57 0.07 -0.71 -20.20
N GLU A 58 0.44 0.56 -20.37
CA GLU A 58 1.64 1.11 -19.76
C GLU A 58 1.58 0.92 -18.25
N ASP A 59 0.41 1.24 -17.65
CA ASP A 59 0.25 1.11 -16.19
C ASP A 59 0.28 -0.36 -15.73
N ILE A 60 -0.30 -1.24 -16.51
CA ILE A 60 -0.28 -2.67 -16.19
C ILE A 60 1.16 -3.21 -16.26
N GLU A 61 1.88 -2.86 -17.32
CA GLU A 61 3.24 -3.35 -17.51
C GLU A 61 4.16 -2.86 -16.39
N ARG A 62 3.94 -1.62 -15.95
CA ARG A 62 4.75 -1.07 -14.84
C ARG A 62 4.54 -1.89 -13.57
N GLU A 63 3.27 -2.14 -13.22
CA GLU A 63 2.96 -2.93 -12.03
C GLU A 63 3.61 -4.31 -12.13
N VAL A 64 3.44 -4.97 -13.25
CA VAL A 64 4.05 -6.29 -13.43
C VAL A 64 5.58 -6.27 -13.34
N SER A 65 6.19 -5.23 -13.93
N SER A 65 6.21 -5.28 -13.95
CA SER A 65 7.65 -5.12 -13.94
CA SER A 65 7.67 -5.22 -13.91
C SER A 65 8.21 -4.95 -12.53
C SER A 65 8.16 -5.05 -12.47
N ILE A 66 7.51 -4.15 -11.74
CA ILE A 66 7.90 -3.94 -10.34
C ILE A 66 7.71 -5.22 -9.53
N LEU A 67 6.56 -5.87 -9.70
CA LEU A 67 6.31 -7.12 -8.97
C LEU A 67 7.35 -8.19 -9.31
N LYS A 68 7.79 -8.23 -10.55
CA LYS A 68 8.79 -9.22 -10.95
C LYS A 68 10.13 -9.01 -10.28
N GLU A 69 10.43 -7.77 -9.90
N GLU A 69 10.44 -7.78 -9.90
CA GLU A 69 11.74 -7.46 -9.28
CA GLU A 69 11.76 -7.49 -9.31
C GLU A 69 11.81 -7.89 -7.82
C GLU A 69 11.83 -7.73 -7.81
N ILE A 70 10.69 -7.82 -7.16
CA ILE A 70 10.71 -7.94 -5.69
C ILE A 70 10.55 -9.34 -5.09
N GLN A 71 11.30 -9.57 -4.02
N GLN A 71 11.31 -9.60 -4.03
CA GLN A 71 11.18 -10.77 -3.26
CA GLN A 71 11.24 -10.84 -3.27
C GLN A 71 11.72 -10.49 -1.88
C GLN A 71 11.74 -10.55 -1.87
N HIS A 72 10.80 -10.49 -0.94
CA HIS A 72 11.10 -10.16 0.44
C HIS A 72 9.96 -10.67 1.27
N PRO A 73 10.23 -11.06 2.52
CA PRO A 73 9.12 -11.60 3.31
C PRO A 73 7.92 -10.68 3.55
N ASN A 74 8.15 -9.38 3.51
CA ASN A 74 7.09 -8.41 3.82
C ASN A 74 6.46 -7.78 2.58
N VAL A 75 6.65 -8.42 1.41
CA VAL A 75 6.02 -7.95 0.19
C VAL A 75 5.46 -9.17 -0.54
N ILE A 76 4.34 -8.97 -1.23
CA ILE A 76 3.73 -10.03 -2.01
C ILE A 76 4.63 -10.52 -3.15
N THR A 77 4.55 -11.82 -3.47
CA THR A 77 5.33 -12.48 -4.55
C THR A 77 4.40 -12.71 -5.77
N LEU A 78 4.86 -12.35 -6.97
CA LEU A 78 4.15 -12.63 -8.21
C LEU A 78 4.56 -14.02 -8.73
N HIS A 79 3.57 -14.84 -9.07
CA HIS A 79 3.80 -16.19 -9.54
C HIS A 79 3.80 -16.29 -11.03
N GLU A 80 2.77 -15.74 -11.68
CA GLU A 80 2.73 -15.74 -13.15
C GLU A 80 1.69 -14.78 -13.64
N VAL A 81 1.70 -14.49 -14.95
CA VAL A 81 0.78 -13.52 -15.50
C VAL A 81 0.14 -14.07 -16.78
N TYR A 82 -1.18 -13.93 -16.88
CA TYR A 82 -1.94 -14.33 -18.08
C TYR A 82 -2.64 -13.11 -18.62
N GLU A 83 -3.15 -13.21 -19.84
CA GLU A 83 -3.96 -12.12 -20.37
C GLU A 83 -4.86 -12.63 -21.44
N ASN A 84 -5.94 -11.88 -21.63
CA ASN A 84 -6.84 -12.13 -22.75
C ASN A 84 -7.33 -10.77 -23.24
N LYS A 85 -8.35 -10.74 -24.11
CA LYS A 85 -8.77 -9.48 -24.67
C LYS A 85 -9.27 -8.45 -23.64
N THR A 86 -9.87 -8.95 -22.55
CA THR A 86 -10.45 -8.08 -21.56
C THR A 86 -9.65 -7.78 -20.30
N ASP A 87 -8.80 -8.72 -19.89
N ASP A 87 -8.77 -8.70 -19.92
CA ASP A 87 -8.09 -8.58 -18.63
CA ASP A 87 -8.05 -8.61 -18.67
C ASP A 87 -6.64 -9.07 -18.65
C ASP A 87 -6.59 -8.99 -18.74
N VAL A 88 -5.84 -8.52 -17.75
CA VAL A 88 -4.49 -9.05 -17.46
C VAL A 88 -4.74 -9.70 -16.10
N ILE A 89 -4.29 -10.94 -15.93
CA ILE A 89 -4.55 -11.71 -14.71
C ILE A 89 -3.22 -12.01 -14.01
N LEU A 90 -3.01 -11.40 -12.85
CA LEU A 90 -1.82 -11.62 -12.07
C LEU A 90 -2.09 -12.71 -11.05
N ILE A 91 -1.29 -13.78 -11.11
CA ILE A 91 -1.40 -14.86 -10.12
C ILE A 91 -0.41 -14.49 -9.03
N LEU A 92 -0.94 -14.09 -7.88
CA LEU A 92 -0.15 -13.59 -6.77
C LEU A 92 -0.14 -14.47 -5.55
N GLU A 93 0.87 -14.32 -4.70
CA GLU A 93 0.93 -15.07 -3.46
C GLU A 93 -0.37 -14.88 -2.67
N LEU A 94 -0.91 -15.95 -2.12
CA LEU A 94 -2.10 -15.87 -1.25
C LEU A 94 -1.73 -15.46 0.15
N VAL A 95 -2.35 -14.40 0.67
CA VAL A 95 -2.09 -13.98 2.04
C VAL A 95 -3.45 -14.13 2.75
N ALA A 96 -3.62 -15.26 3.43
CA ALA A 96 -4.94 -15.69 3.91
C ALA A 96 -5.57 -15.03 5.15
N GLY A 97 -4.81 -14.24 5.89
CA GLY A 97 -5.34 -13.63 7.10
C GLY A 97 -6.12 -12.33 6.95
N GLY A 98 -6.26 -11.86 5.73
CA GLY A 98 -7.04 -10.65 5.46
C GLY A 98 -6.29 -9.35 5.65
N GLU A 99 -6.99 -8.26 5.40
CA GLU A 99 -6.41 -6.93 5.48
C GLU A 99 -6.22 -6.47 6.89
N LEU A 100 -5.16 -5.69 7.11
CA LEU A 100 -4.90 -5.08 8.38
C LEU A 100 -6.09 -4.15 8.73
N PHE A 101 -6.69 -3.50 7.72
CA PHE A 101 -7.87 -2.67 7.94
C PHE A 101 -8.96 -3.43 8.71
N ASP A 102 -9.27 -4.65 8.26
CA ASP A 102 -10.32 -5.47 8.90
C ASP A 102 -9.93 -5.94 10.30
N PHE A 103 -8.64 -6.27 10.50
CA PHE A 103 -8.11 -6.70 11.79
C PHE A 103 -8.27 -5.58 12.81
N LEU A 104 -7.99 -4.35 12.38
CA LEU A 104 -8.08 -3.18 13.25
C LEU A 104 -9.53 -2.90 13.62
N ALA A 105 -10.41 -3.08 12.65
CA ALA A 105 -11.85 -2.85 12.82
C ALA A 105 -12.50 -3.85 13.76
N GLU A 106 -12.13 -5.12 13.63
CA GLU A 106 -12.75 -6.21 14.40
C GLU A 106 -12.20 -6.31 15.80
N LYS A 107 -10.95 -5.92 15.96
CA LYS A 107 -10.27 -5.99 17.23
C LYS A 107 -10.35 -4.70 18.01
N GLU A 108 -10.36 -4.84 19.34
CA GLU A 108 -10.29 -3.70 20.25
C GLU A 108 -9.03 -2.90 19.88
N SER A 109 -8.89 -1.70 20.45
CA SER A 109 -7.73 -0.84 20.12
C SER A 109 -6.41 -1.53 20.49
N LEU A 110 -5.37 -1.28 19.68
CA LEU A 110 -4.04 -1.89 19.91
C LEU A 110 -3.20 -1.24 20.99
N THR A 111 -2.32 -2.04 21.56
CA THR A 111 -1.33 -1.54 22.49
C THR A 111 -0.19 -0.96 21.68
N GLU A 112 0.68 -0.22 22.35
CA GLU A 112 1.79 0.37 21.68
C GLU A 112 2.78 -0.71 21.10
N GLU A 113 2.99 -1.81 21.82
CA GLU A 113 3.81 -2.92 21.31
C GLU A 113 3.16 -3.62 20.12
N GLU A 114 1.84 -3.80 20.16
CA GLU A 114 1.16 -4.44 19.03
C GLU A 114 1.31 -3.54 17.80
N ALA A 115 1.19 -2.23 18.02
CA ALA A 115 1.35 -1.29 16.91
C ALA A 115 2.79 -1.38 16.35
N THR A 116 3.80 -1.35 17.22
CA THR A 116 5.18 -1.41 16.74
C THR A 116 5.52 -2.76 16.11
N GLU A 117 4.87 -3.83 16.55
CA GLU A 117 5.14 -5.13 15.92
C GLU A 117 4.70 -5.12 14.45
N PHE A 118 3.57 -4.49 14.16
CA PHE A 118 3.11 -4.36 12.77
C PHE A 118 4.02 -3.36 12.08
N LEU A 119 4.26 -2.23 12.74
CA LEU A 119 5.01 -1.18 12.10
C LEU A 119 6.39 -1.61 11.70
N LYS A 120 7.13 -2.32 12.57
CA LYS A 120 8.48 -2.77 12.23
C LYS A 120 8.51 -3.60 10.95
N GLN A 121 7.50 -4.43 10.75
CA GLN A 121 7.41 -5.23 9.51
C GLN A 121 7.13 -4.35 8.28
N ILE A 122 6.25 -3.36 8.43
CA ILE A 122 5.98 -2.45 7.33
C ILE A 122 7.28 -1.68 6.99
N LEU A 123 7.95 -1.17 8.03
CA LEU A 123 9.20 -0.47 7.78
C LEU A 123 10.24 -1.36 7.10
N ASN A 124 10.34 -2.63 7.49
CA ASN A 124 11.31 -3.54 6.83
C ASN A 124 10.97 -3.73 5.33
N GLY A 125 9.69 -3.85 5.04
CA GLY A 125 9.24 -4.01 3.66
C GLY A 125 9.52 -2.76 2.85
N VAL A 126 9.21 -1.59 3.45
CA VAL A 126 9.45 -0.32 2.76
C VAL A 126 10.96 -0.04 2.63
N TYR A 127 11.77 -0.46 3.62
CA TYR A 127 13.21 -0.33 3.49
C TYR A 127 13.72 -1.10 2.25
N TYR A 128 13.21 -2.32 2.09
CA TYR A 128 13.55 -3.11 0.90
C TYR A 128 13.16 -2.37 -0.39
N LEU A 129 11.92 -1.88 -0.44
CA LEU A 129 11.44 -1.25 -1.66
C LEU A 129 12.24 0.00 -1.97
N HIS A 130 12.42 0.86 -0.97
CA HIS A 130 13.15 2.10 -1.18
C HIS A 130 14.61 1.87 -1.53
N SER A 131 15.20 0.77 -1.02
CA SER A 131 16.56 0.42 -1.38
C SER A 131 16.65 0.13 -2.88
N LEU A 132 15.54 -0.34 -3.44
CA LEU A 132 15.40 -0.60 -4.85
C LEU A 132 14.89 0.63 -5.65
N GLN A 133 14.78 1.76 -4.96
CA GLN A 133 14.24 2.99 -5.54
C GLN A 133 12.80 2.84 -6.00
N ILE A 134 12.05 1.97 -5.34
CA ILE A 134 10.63 1.78 -5.63
C ILE A 134 9.77 2.51 -4.61
N ALA A 135 8.98 3.50 -5.08
CA ALA A 135 7.97 4.15 -4.28
C ALA A 135 6.66 3.37 -4.48
N HIS A 136 6.00 3.06 -3.39
CA HIS A 136 4.74 2.29 -3.42
C HIS A 136 3.56 3.20 -3.81
N PHE A 137 3.50 4.37 -3.17
CA PHE A 137 2.49 5.42 -3.38
C PHE A 137 1.05 5.11 -2.97
N ASP A 138 0.78 3.95 -2.39
CA ASP A 138 -0.60 3.65 -1.94
C ASP A 138 -0.57 2.88 -0.62
N LEU A 139 0.38 3.22 0.27
CA LEU A 139 0.40 2.54 1.56
C LEU A 139 -0.78 2.98 2.45
N LYS A 140 -1.45 1.98 3.04
CA LYS A 140 -2.65 2.17 3.91
C LYS A 140 -3.03 0.80 4.46
N PRO A 141 -3.81 0.76 5.57
CA PRO A 141 -4.17 -0.52 6.16
C PRO A 141 -4.85 -1.52 5.23
N GLU A 142 -5.64 -1.04 4.27
CA GLU A 142 -6.25 -1.97 3.29
C GLU A 142 -5.23 -2.70 2.39
N ASN A 143 -4.05 -2.09 2.20
CA ASN A 143 -2.98 -2.69 1.39
C ASN A 143 -1.89 -3.39 2.18
N ILE A 144 -2.22 -3.81 3.38
N ILE A 144 -2.20 -3.75 3.43
CA ILE A 144 -1.32 -4.63 4.16
CA ILE A 144 -1.30 -4.49 4.35
C ILE A 144 -2.18 -5.82 4.53
C ILE A 144 -2.00 -5.76 4.82
N MET A 145 -1.61 -7.01 4.34
N MET A 145 -1.64 -6.91 4.25
CA MET A 145 -2.35 -8.24 4.62
CA MET A 145 -2.31 -8.20 4.58
C MET A 145 -1.59 -9.13 5.56
C MET A 145 -1.61 -8.97 5.71
N LEU A 146 -2.35 -9.84 6.39
CA LEU A 146 -1.80 -10.70 7.42
C LEU A 146 -1.74 -12.14 6.91
N LEU A 147 -0.64 -12.82 7.19
CA LEU A 147 -0.50 -14.23 6.82
C LEU A 147 -1.47 -15.14 7.60
N ASP A 148 -1.61 -14.87 8.90
CA ASP A 148 -2.49 -15.63 9.80
C ASP A 148 -2.93 -14.66 10.89
N ARG A 149 -4.22 -14.33 10.94
CA ARG A 149 -4.70 -13.34 11.90
C ARG A 149 -4.90 -13.90 13.31
N ASN A 150 -4.73 -15.21 13.49
CA ASN A 150 -4.96 -15.84 14.80
C ASN A 150 -3.72 -16.14 15.65
N VAL A 151 -2.62 -15.42 15.41
CA VAL A 151 -1.43 -15.56 16.24
C VAL A 151 -1.26 -14.26 17.02
N PRO A 152 -0.54 -14.29 18.14
CA PRO A 152 -0.38 -13.07 18.93
C PRO A 152 0.28 -11.88 18.18
N LYS A 153 1.24 -12.19 17.30
CA LYS A 153 1.95 -11.16 16.54
C LYS A 153 1.87 -11.45 15.02
N PRO A 154 0.76 -11.08 14.38
CA PRO A 154 0.60 -11.46 12.98
C PRO A 154 1.71 -10.94 12.06
N ARG A 155 2.11 -11.77 11.08
CA ARG A 155 3.10 -11.39 10.09
C ARG A 155 2.35 -10.75 8.93
N ILE A 156 2.98 -9.76 8.30
CA ILE A 156 2.30 -9.06 7.23
C ILE A 156 3.07 -8.96 5.94
N LYS A 157 2.32 -8.70 4.88
CA LYS A 157 2.86 -8.45 3.55
C LYS A 157 2.21 -7.21 2.97
N ILE A 158 3.01 -6.37 2.34
CA ILE A 158 2.50 -5.22 1.57
C ILE A 158 1.99 -5.72 0.23
N ILE A 159 0.81 -5.25 -0.15
CA ILE A 159 0.18 -5.58 -1.44
C ILE A 159 -0.13 -4.32 -2.26
N ASP A 160 -0.69 -4.54 -3.45
CA ASP A 160 -1.20 -3.48 -4.33
C ASP A 160 -0.14 -2.49 -4.83
N PHE A 161 0.59 -2.95 -5.84
CA PHE A 161 1.62 -2.17 -6.51
C PHE A 161 1.08 -1.44 -7.76
N GLY A 162 -0.23 -1.20 -7.79
CA GLY A 162 -0.88 -0.50 -8.89
C GLY A 162 -0.46 0.93 -9.12
N LEU A 163 0.06 1.59 -8.08
CA LEU A 163 0.56 2.98 -8.24
C LEU A 163 2.06 3.09 -8.11
N ALA A 164 2.73 1.97 -7.87
CA ALA A 164 4.16 1.99 -7.60
C ALA A 164 4.98 2.43 -8.83
N HIS A 165 6.06 3.15 -8.55
CA HIS A 165 6.96 3.64 -9.58
C HIS A 165 8.41 3.56 -9.16
N LYS A 166 9.27 3.31 -10.15
N LYS A 166 9.28 3.29 -10.14
CA LYS A 166 10.72 3.39 -9.98
CA LYS A 166 10.73 3.38 -9.93
C LYS A 166 11.08 4.88 -9.93
C LYS A 166 11.08 4.86 -9.92
N ILE A 167 11.90 5.27 -8.97
CA ILE A 167 12.28 6.70 -8.84
C ILE A 167 13.76 6.76 -9.12
N ASP A 168 14.16 6.72 -10.38
N ASP A 168 14.14 6.75 -10.39
CA ASP A 168 15.61 6.72 -10.66
CA ASP A 168 15.57 6.74 -10.74
C ASP A 168 16.25 8.12 -10.82
C ASP A 168 16.22 8.11 -10.85
N PHE A 169 15.41 9.16 -10.83
CA PHE A 169 15.88 10.56 -10.85
C PHE A 169 15.54 11.27 -9.54
N GLY A 170 15.26 10.55 -8.47
CA GLY A 170 14.95 11.27 -7.24
C GLY A 170 13.50 11.68 -7.11
N ASN A 171 12.82 11.93 -8.25
CA ASN A 171 11.39 12.22 -8.21
C ASN A 171 10.77 11.86 -9.55
N GLU A 172 9.43 11.67 -9.55
CA GLU A 172 8.65 11.42 -10.75
C GLU A 172 7.55 12.45 -10.85
N PHE A 173 7.13 12.75 -12.06
CA PHE A 173 6.05 13.71 -12.26
C PHE A 173 5.05 13.09 -13.21
N LYS A 174 4.10 12.35 -12.64
CA LYS A 174 3.11 11.64 -13.46
C LYS A 174 1.75 11.73 -12.80
N ASN A 175 0.76 11.10 -13.43
CA ASN A 175 -0.58 11.07 -12.86
C ASN A 175 -0.58 10.03 -11.77
N ILE A 176 -0.34 10.48 -10.54
CA ILE A 176 -0.21 9.62 -9.38
C ILE A 176 -1.01 10.27 -8.27
N PHE A 177 -2.03 9.58 -7.77
CA PHE A 177 -2.83 10.09 -6.69
C PHE A 177 -3.52 8.93 -5.91
N GLY A 178 -3.13 8.70 -4.67
CA GLY A 178 -3.77 7.67 -3.87
C GLY A 178 -5.08 8.06 -3.15
N THR A 179 -5.29 7.41 -1.99
CA THR A 179 -6.47 7.60 -1.17
C THR A 179 -6.28 8.88 -0.35
N PRO A 180 -7.28 9.77 -0.35
N PRO A 180 -7.19 9.87 -0.46
CA PRO A 180 -7.13 11.07 0.33
CA PRO A 180 -6.93 11.15 0.23
C PRO A 180 -6.55 11.05 1.73
C PRO A 180 -6.52 11.08 1.70
N GLU A 181 -7.07 10.22 2.61
N GLU A 181 -6.98 10.06 2.40
CA GLU A 181 -6.58 10.19 4.01
CA GLU A 181 -6.67 9.92 3.81
C GLU A 181 -5.11 9.91 4.19
C GLU A 181 -5.19 9.65 4.06
N PHE A 182 -4.48 9.30 3.18
N PHE A 182 -4.52 9.09 3.05
CA PHE A 182 -3.10 8.82 3.31
CA PHE A 182 -3.11 8.67 3.21
C PHE A 182 -2.07 9.52 2.47
C PHE A 182 -2.11 9.32 2.29
N VAL A 183 -2.54 10.27 1.47
CA VAL A 183 -1.61 10.92 0.55
C VAL A 183 -0.83 12.05 1.20
N ALA A 184 0.42 12.23 0.77
CA ALA A 184 1.25 13.33 1.23
C ALA A 184 0.84 14.67 0.62
N PRO A 185 1.22 15.78 1.26
CA PRO A 185 0.91 17.10 0.68
C PRO A 185 1.40 17.28 -0.75
N GLU A 186 2.56 16.72 -1.10
CA GLU A 186 3.07 16.88 -2.47
C GLU A 186 2.16 16.19 -3.48
N ILE A 187 1.45 15.14 -3.08
CA ILE A 187 0.48 14.47 -3.95
C ILE A 187 -0.74 15.41 -4.12
N VAL A 188 -1.24 15.93 -3.01
CA VAL A 188 -2.37 16.88 -3.01
C VAL A 188 -2.10 18.09 -3.89
N ASN A 189 -0.87 18.58 -3.85
CA ASN A 189 -0.44 19.78 -4.60
C ASN A 189 0.12 19.52 -6.01
N TYR A 190 0.08 18.26 -6.44
CA TYR A 190 0.54 17.91 -7.79
C TYR A 190 1.99 18.30 -8.06
N GLU A 191 2.81 18.06 -7.06
N GLU A 191 2.82 18.09 -7.04
CA GLU A 191 4.23 18.34 -7.16
CA GLU A 191 4.25 18.36 -7.13
C GLU A 191 5.00 17.04 -7.44
C GLU A 191 4.99 17.06 -7.50
N PRO A 192 6.27 17.17 -7.86
CA PRO A 192 7.04 15.95 -8.14
C PRO A 192 7.10 15.10 -6.87
N LEU A 193 7.11 13.79 -7.06
CA LEU A 193 6.98 12.85 -5.96
C LEU A 193 8.18 11.93 -5.90
N GLY A 194 8.55 11.55 -4.70
CA GLY A 194 9.65 10.61 -4.52
C GLY A 194 9.33 9.62 -3.42
N LEU A 195 10.37 9.02 -2.86
CA LEU A 195 10.21 8.03 -1.79
C LEU A 195 9.60 8.67 -0.53
N GLU A 196 9.75 9.98 -0.38
CA GLU A 196 9.29 10.66 0.82
C GLU A 196 7.79 10.53 1.04
N ALA A 197 7.04 10.43 -0.06
CA ALA A 197 5.60 10.35 0.06
C ALA A 197 5.17 9.13 0.86
N ASP A 198 5.85 8.01 0.66
CA ASP A 198 5.56 6.80 1.44
C ASP A 198 5.78 6.99 2.95
N MET A 199 6.80 7.80 3.29
CA MET A 199 7.12 8.03 4.69
C MET A 199 5.98 8.81 5.39
N TRP A 200 5.38 9.75 4.67
CA TRP A 200 4.21 10.46 5.18
C TRP A 200 3.09 9.42 5.43
N SER A 201 2.82 8.56 4.43
CA SER A 201 1.77 7.56 4.59
C SER A 201 2.01 6.68 5.80
N ILE A 202 3.28 6.33 6.08
CA ILE A 202 3.60 5.56 7.28
C ILE A 202 3.23 6.32 8.56
N GLY A 203 3.46 7.63 8.56
CA GLY A 203 3.04 8.46 9.72
C GLY A 203 1.56 8.38 9.95
N VAL A 204 0.77 8.42 8.86
CA VAL A 204 -0.68 8.32 8.99
C VAL A 204 -1.08 6.93 9.52
N ILE A 205 -0.51 5.87 8.94
CA ILE A 205 -0.77 4.53 9.41
C ILE A 205 -0.44 4.40 10.91
N THR A 206 0.72 4.91 11.32
CA THR A 206 1.13 4.86 12.72
C THR A 206 0.11 5.53 13.66
N TYR A 207 -0.35 6.73 13.27
CA TYR A 207 -1.36 7.44 14.03
C TYR A 207 -2.63 6.55 14.21
N ILE A 208 -3.10 5.94 13.12
CA ILE A 208 -4.25 5.06 13.14
C ILE A 208 -4.02 3.82 14.00
N LEU A 209 -2.85 3.20 13.88
CA LEU A 209 -2.55 1.99 14.66
C LEU A 209 -2.63 2.27 16.15
N LEU A 210 -2.16 3.45 16.58
CA LEU A 210 -2.14 3.78 17.99
C LEU A 210 -3.47 4.27 18.57
N SER A 211 -4.32 4.88 17.74
CA SER A 211 -5.50 5.57 18.24
C SER A 211 -6.82 5.06 17.73
N GLY A 212 -6.82 4.39 16.59
CA GLY A 212 -8.08 4.03 15.92
C GLY A 212 -8.77 5.17 15.20
N ALA A 213 -8.09 6.32 15.09
CA ALA A 213 -8.62 7.50 14.43
C ALA A 213 -7.70 7.95 13.29
N SER A 214 -8.33 8.54 12.28
CA SER A 214 -7.62 9.03 11.07
C SER A 214 -7.29 10.53 11.27
N PRO A 215 -6.00 10.90 11.14
CA PRO A 215 -5.59 12.25 11.54
C PRO A 215 -6.12 13.43 10.70
N PHE A 216 -6.34 13.22 9.41
CA PHE A 216 -6.73 14.31 8.51
C PHE A 216 -8.15 14.15 7.95
N LEU A 217 -8.86 13.12 8.37
CA LEU A 217 -10.19 12.84 7.78
C LEU A 217 -11.20 13.92 8.02
N GLY A 218 -11.76 14.42 6.92
CA GLY A 218 -12.85 15.39 6.92
C GLY A 218 -14.15 14.70 6.51
N ASP A 219 -15.21 15.47 6.39
CA ASP A 219 -16.50 14.92 5.99
C ASP A 219 -16.62 14.68 4.48
N THR A 220 -15.71 15.27 3.71
CA THR A 220 -15.66 15.11 2.26
C THR A 220 -14.22 14.91 1.82
N LYS A 221 -14.02 14.38 0.61
CA LYS A 221 -12.66 14.19 0.11
C LYS A 221 -11.92 15.53 0.01
N GLN A 222 -12.62 16.59 -0.42
CA GLN A 222 -11.92 17.88 -0.52
C GLN A 222 -11.47 18.41 0.83
N GLU A 223 -12.26 18.20 1.89
CA GLU A 223 -11.86 18.61 3.25
C GLU A 223 -10.62 17.83 3.66
N THR A 224 -10.65 16.51 3.43
CA THR A 224 -9.48 15.68 3.79
C THR A 224 -8.22 16.17 3.11
N LEU A 225 -8.33 16.40 1.80
CA LEU A 225 -7.16 16.87 1.05
C LEU A 225 -6.66 18.25 1.54
N ALA A 226 -7.59 19.13 1.88
CA ALA A 226 -7.24 20.45 2.41
C ALA A 226 -6.55 20.33 3.75
N ASN A 227 -7.02 19.41 4.59
CA ASN A 227 -6.40 19.17 5.89
C ASN A 227 -4.97 18.64 5.72
N VAL A 228 -4.79 17.70 4.80
CA VAL A 228 -3.44 17.15 4.53
C VAL A 228 -2.49 18.27 4.11
N SER A 229 -2.91 19.11 3.16
CA SER A 229 -1.99 20.13 2.62
C SER A 229 -1.60 21.15 3.69
N ALA A 230 -2.52 21.43 4.61
CA ALA A 230 -2.27 22.39 5.68
C ALA A 230 -1.61 21.75 6.91
N VAL A 231 -1.41 20.43 6.88
CA VAL A 231 -0.90 19.65 8.01
C VAL A 231 -1.78 19.95 9.24
N ASN A 232 -3.08 19.91 9.00
CA ASN A 232 -4.07 20.15 10.03
C ASN A 232 -4.42 18.84 10.76
N TYR A 233 -3.58 18.44 11.71
CA TYR A 233 -3.91 17.32 12.59
C TYR A 233 -3.37 17.65 13.97
N GLU A 234 -3.91 16.93 14.95
CA GLU A 234 -3.41 17.04 16.31
C GLU A 234 -3.59 15.71 17.02
N PHE A 235 -2.87 15.53 18.11
CA PHE A 235 -3.04 14.35 18.95
C PHE A 235 -4.14 14.56 19.99
N GLU A 236 -5.33 13.99 19.77
CA GLU A 236 -6.43 14.14 20.72
C GLU A 236 -6.14 13.42 22.01
N ASP A 237 -6.23 14.11 23.15
CA ASP A 237 -5.91 13.46 24.42
C ASP A 237 -6.81 12.26 24.68
N GLU A 238 -8.07 12.32 24.26
CA GLU A 238 -8.99 11.21 24.54
C GLU A 238 -8.46 9.92 23.95
N TYR A 239 -7.74 10.03 22.85
CA TYR A 239 -7.24 8.86 22.14
C TYR A 239 -5.75 8.59 22.35
N PHE A 240 -4.99 9.58 22.80
CA PHE A 240 -3.54 9.46 22.94
C PHE A 240 -3.04 9.58 24.37
N SER A 241 -3.93 9.68 25.35
CA SER A 241 -3.50 9.89 26.74
C SER A 241 -2.62 8.77 27.29
N ASN A 242 -2.75 7.55 26.75
CA ASN A 242 -1.93 6.41 27.20
C ASN A 242 -0.77 6.11 26.24
N THR A 243 -0.55 6.99 25.26
CA THR A 243 0.51 6.79 24.26
C THR A 243 1.77 7.56 24.64
N SER A 244 2.92 6.93 24.49
CA SER A 244 4.17 7.58 24.91
C SER A 244 4.54 8.81 24.10
N ALA A 245 5.27 9.72 24.75
CA ALA A 245 5.76 10.91 24.06
C ALA A 245 6.68 10.52 22.89
N LEU A 246 7.43 9.44 23.03
N LEU A 246 7.48 9.45 23.00
CA LEU A 246 8.34 9.07 21.96
CA LEU A 246 8.35 9.00 21.87
C LEU A 246 7.61 8.56 20.69
C LEU A 246 7.56 8.60 20.65
N ALA A 247 6.43 7.93 20.88
CA ALA A 247 5.57 7.49 19.74
C ALA A 247 5.07 8.72 19.01
N LYS A 248 4.65 9.74 19.79
CA LYS A 248 4.17 11.00 19.17
C LYS A 248 5.30 11.69 18.41
N ASP A 249 6.52 11.63 18.97
CA ASP A 249 7.69 12.21 18.31
C ASP A 249 7.91 11.56 16.93
N PHE A 250 7.85 10.23 16.87
CA PHE A 250 8.01 9.47 15.63
C PHE A 250 7.00 9.97 14.59
N ILE A 251 5.73 10.06 14.98
CA ILE A 251 4.73 10.54 14.05
C ILE A 251 5.00 11.95 13.58
N ARG A 252 5.34 12.82 14.53
N ARG A 252 5.34 12.82 14.54
CA ARG A 252 5.58 14.22 14.22
CA ARG A 252 5.56 14.23 14.24
C ARG A 252 6.64 14.40 13.19
C ARG A 252 6.65 14.41 13.20
N ARG A 253 7.65 13.52 13.20
CA ARG A 253 8.76 13.63 12.27
C ARG A 253 8.48 13.05 10.89
N LEU A 254 7.32 12.41 10.76
CA LEU A 254 6.89 11.86 9.45
C LEU A 254 5.82 12.77 8.83
N LEU A 255 4.98 13.37 9.67
CA LEU A 255 3.89 14.25 9.17
C LEU A 255 4.40 15.70 9.02
N VAL A 256 5.39 15.85 8.13
CA VAL A 256 6.10 17.09 7.85
C VAL A 256 5.83 17.47 6.39
N LYS A 257 5.38 18.67 6.15
CA LYS A 257 5.03 19.09 4.80
C LYS A 257 6.21 19.08 3.84
N ASP A 258 7.35 19.62 4.25
CA ASP A 258 8.52 19.69 3.35
C ASP A 258 9.13 18.30 3.25
N PRO A 259 9.05 17.67 2.08
CA PRO A 259 9.55 16.29 1.99
C PRO A 259 11.01 16.16 2.34
N LYS A 260 11.79 17.22 2.16
CA LYS A 260 13.22 17.15 2.45
C LYS A 260 13.50 17.09 3.94
N LYS A 261 12.54 17.54 4.75
CA LYS A 261 12.72 17.56 6.20
C LYS A 261 12.10 16.35 6.91
N ARG A 262 11.37 15.53 6.15
CA ARG A 262 10.68 14.39 6.69
C ARG A 262 11.68 13.24 6.95
N MET A 263 11.42 12.39 7.92
CA MET A 263 12.28 11.26 8.13
C MET A 263 12.27 10.33 6.91
N THR A 264 13.45 9.83 6.56
CA THR A 264 13.60 8.78 5.53
C THR A 264 13.34 7.42 6.16
N ILE A 265 13.29 6.39 5.31
CA ILE A 265 13.09 5.05 5.87
C ILE A 265 14.24 4.67 6.81
N GLN A 266 15.47 5.00 6.44
CA GLN A 266 16.59 4.70 7.34
C GLN A 266 16.49 5.49 8.63
N ASP A 267 16.08 6.76 8.57
CA ASP A 267 15.87 7.55 9.80
C ASP A 267 14.83 6.84 10.68
N SER A 268 13.74 6.35 10.09
CA SER A 268 12.67 5.75 10.87
C SER A 268 13.14 4.52 11.61
N LEU A 269 14.03 3.76 10.99
CA LEU A 269 14.56 2.54 11.63
C LEU A 269 15.54 2.84 12.77
N GLN A 270 16.15 4.01 12.75
CA GLN A 270 17.10 4.43 13.80
C GLN A 270 16.46 5.30 14.90
N HIS A 271 15.22 5.69 14.68
CA HIS A 271 14.52 6.49 15.66
C HIS A 271 14.40 5.73 16.97
N PRO A 272 14.60 6.41 18.13
CA PRO A 272 14.58 5.71 19.40
C PRO A 272 13.33 4.89 19.73
N TRP A 273 12.20 5.21 19.11
CA TRP A 273 10.97 4.46 19.36
C TRP A 273 11.04 3.07 18.73
N ILE A 274 11.83 2.96 17.67
CA ILE A 274 11.95 1.72 16.88
C ILE A 274 13.25 0.96 17.09
N LYS A 275 14.37 1.67 17.17
CA LYS A 275 15.70 1.02 17.25
C LYS A 275 15.76 0.11 18.47
N PRO A 276 16.21 -1.14 18.26
CA PRO A 276 16.34 -2.11 19.37
C PRO A 276 17.50 -1.76 20.30
N GLN A 291 -9.45 10.93 -6.95
CA GLN A 291 -9.38 11.88 -5.83
C GLN A 291 -10.57 12.86 -5.79
N PHE A 292 -11.55 12.65 -6.69
CA PHE A 292 -12.70 13.57 -6.81
C PHE A 292 -14.04 12.98 -6.33
N GLU A 293 -14.93 13.86 -5.86
CA GLU A 293 -16.28 13.50 -5.42
C GLU A 293 -17.24 13.69 -6.60
N LYS A 294 -18.26 12.84 -6.71
CA LYS A 294 -19.22 12.93 -7.81
C LYS A 294 -20.61 12.57 -7.33
#